data_5DDL
#
_entry.id   5DDL
#
_cell.length_a   77.665
_cell.length_b   89.795
_cell.length_c   68.854
_cell.angle_alpha   90.000
_cell.angle_beta   98.080
_cell.angle_gamma   90.000
#
_symmetry.space_group_name_H-M   'C 1 2 1'
#
loop_
_entity.id
_entity.type
_entity.pdbx_description
1 polymer 'Glutathione S-transferase P'
2 non-polymer '2-(N-MORPHOLINO)-ETHANESULFONIC ACID'
3 non-polymer Di-glutathione-PhenylArsine
4 non-polymer GLUTATHIONE
5 non-polymer 'SULFATE ION'
6 non-polymer 'CALCIUM ION'
7 water water
#
_entity_poly.entity_id   1
_entity_poly.type   'polypeptide(L)'
_entity_poly.pdbx_seq_one_letter_code
;MPPYTVVYFPVRGRCAALRMLLADQGQSWKEEVVTVETWQEGSLKASCLYGQLPKFQDGDLTLYQSNTILRHLGRTLGLY
GKDQQEAALVDMVNDGVEDLRCKYISLIYTNYEAGKDDYVKALPGQLKPFETLLSQNQGGKTFIVGDQISFADYNLLDLL
LIHEVLAPGCLDAFPLLSAYVGRLSARPKLKAFLASPEYVNLPINGNGKQ
;
_entity_poly.pdbx_strand_id   A,B
#
# COMPACT_ATOMS: atom_id res chain seq x y z
N MET A 1 -12.00 26.68 -12.54
CA MET A 1 -12.33 25.65 -11.51
C MET A 1 -11.04 25.11 -10.88
N PRO A 2 -11.15 24.50 -9.69
CA PRO A 2 -9.94 23.93 -9.09
C PRO A 2 -9.39 22.80 -9.97
N PRO A 3 -8.08 22.55 -9.94
CA PRO A 3 -7.55 21.45 -10.76
C PRO A 3 -7.76 20.09 -10.11
N TYR A 4 -8.15 20.05 -8.85
CA TYR A 4 -8.36 18.78 -8.12
C TYR A 4 -9.81 18.53 -7.81
N THR A 5 -10.23 17.29 -7.96
CA THR A 5 -11.55 16.86 -7.57
C THR A 5 -11.45 15.57 -6.76
N VAL A 6 -12.13 15.55 -5.62
CA VAL A 6 -12.25 14.34 -4.80
C VAL A 6 -13.68 13.80 -4.94
N VAL A 7 -13.77 12.54 -5.35
CA VAL A 7 -15.04 11.86 -5.52
C VAL A 7 -15.14 10.78 -4.46
N TYR A 8 -16.06 10.96 -3.53
CA TYR A 8 -16.14 10.02 -2.41
C TYR A 8 -17.51 10.05 -1.74
N PHE A 9 -17.74 9.08 -0.88
CA PHE A 9 -18.90 9.03 -0.02
C PHE A 9 -18.83 10.16 1.02
N PRO A 10 -19.95 10.47 1.71
CA PRO A 10 -19.95 11.56 2.70
C PRO A 10 -19.39 11.08 4.04
N VAL A 11 -18.10 10.80 4.06
CA VAL A 11 -17.38 10.18 5.18
C VAL A 11 -15.95 10.73 5.12
N ARG A 12 -15.25 10.77 6.25
CA ARG A 12 -13.84 11.15 6.28
C ARG A 12 -13.07 9.99 5.68
N GLY A 13 -13.06 8.86 6.38
CA GLY A 13 -12.57 7.60 5.83
C GLY A 13 -11.20 7.71 5.22
N ARG A 14 -11.07 7.16 4.01
CA ARG A 14 -9.78 7.14 3.32
C ARG A 14 -9.47 8.42 2.55
N CYS A 15 -10.31 9.44 2.70
CA CYS A 15 -9.99 10.77 2.12
C CYS A 15 -9.56 11.78 3.16
N ALA A 16 -9.66 11.45 4.44
CA ALA A 16 -9.36 12.42 5.47
C ALA A 16 -7.91 12.93 5.37
N ALA A 17 -6.96 12.01 5.23
CA ALA A 17 -5.55 12.40 5.21
C ALA A 17 -5.24 13.26 3.99
N LEU A 18 -5.73 12.87 2.82
CA LEU A 18 -5.41 13.64 1.63
C LEU A 18 -6.09 15.02 1.63
N ARG A 19 -7.25 15.12 2.24
CA ARG A 19 -7.90 16.43 2.41
C ARG A 19 -7.11 17.33 3.34
N MET A 20 -6.59 16.74 4.43
CA MET A 20 -5.74 17.49 5.35
C MET A 20 -4.52 18.02 4.63
N LEU A 21 -3.92 17.14 3.81
CA LEU A 21 -2.74 17.50 3.04
C LEU A 21 -3.05 18.73 2.15
N LEU A 22 -4.13 18.64 1.38
CA LEU A 22 -4.49 19.74 0.48
C LEU A 22 -4.78 21.05 1.23
N ALA A 23 -5.51 20.97 2.33
CA ALA A 23 -5.87 22.18 3.09
C ALA A 23 -4.64 22.78 3.74
N ASP A 24 -3.80 21.94 4.33
CA ASP A 24 -2.57 22.40 4.95
C ASP A 24 -1.58 23.02 3.94
N GLN A 25 -1.62 22.57 2.69
CA GLN A 25 -0.79 23.13 1.62
C GLN A 25 -1.49 24.24 0.86
N GLY A 26 -2.68 24.62 1.33
CA GLY A 26 -3.41 25.74 0.75
C GLY A 26 -3.77 25.54 -0.70
N GLN A 27 -4.05 24.30 -1.08
CA GLN A 27 -4.51 23.97 -2.41
C GLN A 27 -6.02 23.96 -2.45
N SER A 28 -6.60 24.31 -3.58
CA SER A 28 -8.04 24.28 -3.72
C SER A 28 -8.47 22.99 -4.43
N TRP A 29 -9.65 22.51 -4.06
CA TRP A 29 -10.21 21.33 -4.69
C TRP A 29 -11.73 21.32 -4.61
N LYS A 30 -12.32 20.49 -5.45
CA LYS A 30 -13.75 20.29 -5.47
C LYS A 30 -14.08 18.95 -4.81
N GLU A 31 -15.16 18.92 -4.04
CA GLU A 31 -15.66 17.69 -3.44
C GLU A 31 -16.88 17.26 -4.23
N GLU A 32 -16.84 16.08 -4.84
CA GLU A 32 -18.02 15.51 -5.47
C GLU A 32 -18.50 14.38 -4.59
N VAL A 33 -19.74 14.48 -4.13
CA VAL A 33 -20.24 13.57 -3.11
C VAL A 33 -21.10 12.50 -3.75
N VAL A 34 -20.84 11.26 -3.39
CA VAL A 34 -21.58 10.14 -3.92
C VAL A 34 -22.43 9.56 -2.80
N THR A 35 -23.74 9.63 -2.94
CA THR A 35 -24.62 9.00 -1.96
C THR A 35 -24.63 7.47 -2.13
N VAL A 36 -24.99 6.76 -1.06
CA VAL A 36 -25.08 5.31 -1.12
C VAL A 36 -26.14 4.97 -2.16
N GLU A 37 -27.19 5.77 -2.20
CA GLU A 37 -28.23 5.56 -3.17
C GLU A 37 -27.68 5.60 -4.60
N THR A 38 -26.95 6.65 -4.95
CA THR A 38 -26.33 6.74 -6.27
C THR A 38 -25.38 5.55 -6.50
N TRP A 39 -24.62 5.19 -5.48
CA TRP A 39 -23.65 4.11 -5.60
C TRP A 39 -24.36 2.81 -5.97
N GLN A 40 -25.52 2.59 -5.36
CA GLN A 40 -26.27 1.35 -5.56
C GLN A 40 -26.86 1.26 -6.95
N GLU A 41 -26.98 2.40 -7.62
CA GLU A 41 -27.44 2.42 -9.00
C GLU A 41 -26.47 1.64 -9.93
N GLY A 42 -25.17 1.73 -9.64
CA GLY A 42 -24.21 0.83 -10.25
C GLY A 42 -23.31 1.37 -11.36
N SER A 43 -23.73 2.45 -12.03
CA SER A 43 -22.99 2.98 -13.18
C SER A 43 -21.64 3.57 -12.81
N LEU A 44 -21.62 4.40 -11.76
CA LEU A 44 -20.36 4.96 -11.31
C LEU A 44 -19.40 3.82 -10.92
N LYS A 45 -19.85 2.91 -10.07
CA LYS A 45 -19.03 1.82 -9.59
C LYS A 45 -18.43 1.03 -10.77
N ALA A 46 -19.25 0.74 -11.77
CA ALA A 46 -18.79 -0.01 -12.93
C ALA A 46 -17.70 0.74 -13.68
N SER A 47 -17.77 2.08 -13.69
CA SER A 47 -16.75 2.91 -14.34
C SER A 47 -15.46 3.12 -13.54
N CYS A 48 -15.46 2.75 -12.26
CA CYS A 48 -14.26 2.86 -11.44
C CYS A 48 -13.32 1.67 -11.70
N LEU A 49 -12.02 1.96 -11.79
CA LEU A 49 -11.02 0.96 -12.16
C LEU A 49 -11.14 -0.31 -11.33
N TYR A 50 -11.17 -0.16 -10.01
CA TYR A 50 -11.29 -1.29 -9.11
C TYR A 50 -12.63 -1.37 -8.43
N GLY A 51 -13.64 -0.71 -8.98
CA GLY A 51 -14.99 -0.81 -8.42
C GLY A 51 -15.19 -0.06 -7.10
N GLN A 52 -14.28 0.86 -6.79
CA GLN A 52 -14.31 1.51 -5.47
C GLN A 52 -13.92 2.99 -5.54
N LEU A 53 -14.26 3.70 -4.49
CA LEU A 53 -13.80 5.07 -4.28
C LEU A 53 -12.79 5.07 -3.13
N PRO A 54 -11.97 6.13 -3.00
CA PRO A 54 -12.03 7.42 -3.70
C PRO A 54 -11.59 7.35 -5.14
N LYS A 55 -12.14 8.28 -5.91
CA LYS A 55 -11.64 8.64 -7.20
C LYS A 55 -11.14 10.09 -7.07
N PHE A 56 -10.07 10.39 -7.79
CA PHE A 56 -9.43 11.69 -7.72
C PHE A 56 -9.07 12.09 -9.14
N GLN A 57 -9.28 13.37 -9.43
CA GLN A 57 -8.99 13.93 -10.74
C GLN A 57 -8.02 15.08 -10.53
N ASP A 58 -6.93 15.06 -11.28
CA ASP A 58 -5.97 16.16 -11.28
C ASP A 58 -5.91 16.56 -12.74
N GLY A 59 -6.72 17.55 -13.13
CA GLY A 59 -6.97 17.75 -14.55
C GLY A 59 -7.54 16.48 -15.15
N ASP A 60 -7.03 16.05 -16.30
CA ASP A 60 -7.54 14.84 -16.95
C ASP A 60 -6.88 13.55 -16.44
N LEU A 61 -6.04 13.66 -15.43
CA LEU A 61 -5.48 12.47 -14.84
C LEU A 61 -6.45 11.97 -13.79
N THR A 62 -7.00 10.77 -13.99
CA THR A 62 -7.95 10.16 -13.07
C THR A 62 -7.23 9.06 -12.29
N LEU A 63 -7.21 9.17 -10.96
CA LEU A 63 -6.60 8.18 -10.09
C LEU A 63 -7.63 7.55 -9.17
N TYR A 64 -7.34 6.32 -8.76
CA TYR A 64 -8.06 5.53 -7.77
C TYR A 64 -6.96 5.10 -6.82
N GLN A 65 -7.34 4.68 -5.61
CA GLN A 65 -6.46 4.19 -4.55
C GLN A 65 -5.96 5.34 -3.67
N SER A 66 -6.44 5.39 -2.44
CA SER A 66 -6.12 6.49 -1.53
C SER A 66 -4.60 6.75 -1.41
N ASN A 67 -3.79 5.69 -1.33
CA ASN A 67 -2.35 5.88 -1.20
C ASN A 67 -1.66 6.32 -2.46
N THR A 68 -2.24 5.98 -3.60
CA THR A 68 -1.79 6.49 -4.86
C THR A 68 -2.00 8.00 -4.90
N ILE A 69 -3.15 8.45 -4.40
CA ILE A 69 -3.46 9.89 -4.41
C ILE A 69 -2.48 10.60 -3.49
N LEU A 70 -2.23 10.01 -2.33
CA LEU A 70 -1.31 10.62 -1.38
C LEU A 70 0.09 10.73 -1.96
N ARG A 71 0.56 9.68 -2.60
CA ARG A 71 1.89 9.68 -3.18
C ARG A 71 2.01 10.66 -4.33
N HIS A 72 0.95 10.77 -5.11
CA HIS A 72 0.94 11.67 -6.25
C HIS A 72 1.01 13.11 -5.76
N LEU A 73 0.20 13.45 -4.76
CA LEU A 73 0.27 14.79 -4.18
C LEU A 73 1.62 14.97 -3.48
N GLY A 74 2.11 13.91 -2.85
CA GLY A 74 3.41 13.98 -2.22
C GLY A 74 4.53 14.38 -3.19
N ARG A 75 4.46 13.78 -4.38
CA ARG A 75 5.45 14.00 -5.42
C ARG A 75 5.31 15.41 -5.99
N THR A 76 4.10 15.78 -6.37
CA THR A 76 3.87 17.05 -7.06
C THR A 76 3.92 18.28 -6.17
N LEU A 77 3.73 18.13 -4.86
CA LEU A 77 3.82 19.26 -3.94
C LEU A 77 5.09 19.25 -3.07
N GLY A 78 6.02 18.34 -3.37
CA GLY A 78 7.26 18.26 -2.63
C GLY A 78 7.13 17.80 -1.19
N LEU A 79 6.34 16.75 -0.96
CA LEU A 79 6.11 16.18 0.39
C LEU A 79 6.53 14.71 0.43
N TYR A 80 7.72 14.44 -0.10
CA TYR A 80 8.18 13.08 -0.32
C TYR A 80 9.65 12.94 0.01
N GLY A 81 10.13 13.66 1.02
CA GLY A 81 11.52 13.53 1.43
C GLY A 81 12.43 14.43 0.63
N LYS A 82 13.63 14.66 1.15
CA LYS A 82 14.59 15.55 0.48
C LYS A 82 15.48 14.80 -0.53
N ASP A 83 15.55 13.47 -0.41
CA ASP A 83 16.33 12.64 -1.33
C ASP A 83 15.76 11.23 -1.41
N GLN A 84 16.43 10.33 -2.13
CA GLN A 84 15.89 8.99 -2.39
C GLN A 84 15.78 8.16 -1.13
N GLN A 85 16.76 8.28 -0.25
CA GLN A 85 16.68 7.56 1.00
C GLN A 85 15.50 8.03 1.87
N GLU A 86 15.28 9.33 2.02
CA GLU A 86 14.15 9.80 2.79
C GLU A 86 12.84 9.38 2.15
N ALA A 87 12.80 9.37 0.83
CA ALA A 87 11.63 8.89 0.11
C ALA A 87 11.26 7.47 0.53
N ALA A 88 12.25 6.57 0.57
CA ALA A 88 12.02 5.20 1.04
C ALA A 88 11.47 5.14 2.47
N LEU A 89 12.02 5.94 3.36
CA LEU A 89 11.55 5.96 4.74
C LEU A 89 10.11 6.49 4.84
N VAL A 90 9.80 7.49 4.01
CA VAL A 90 8.42 7.99 3.92
C VAL A 90 7.48 6.85 3.52
N ASP A 91 7.85 6.09 2.48
CA ASP A 91 7.07 4.93 2.07
C ASP A 91 6.93 3.92 3.20
N MET A 92 8.02 3.70 3.93
CA MET A 92 8.00 2.70 5.00
C MET A 92 6.99 3.08 6.08
N VAL A 93 6.96 4.36 6.41
CA VAL A 93 5.98 4.88 7.36
C VAL A 93 4.58 4.74 6.79
N ASN A 94 4.38 5.19 5.55
CA ASN A 94 3.03 5.12 5.00
C ASN A 94 2.50 3.70 4.90
N ASP A 95 3.36 2.75 4.53
CA ASP A 95 2.93 1.36 4.46
C ASP A 95 2.56 0.80 5.84
N GLY A 96 3.29 1.20 6.89
CA GLY A 96 2.90 0.85 8.25
C GLY A 96 1.55 1.41 8.64
N VAL A 97 1.33 2.68 8.29
CA VAL A 97 0.05 3.34 8.57
C VAL A 97 -1.09 2.60 7.87
N GLU A 98 -0.88 2.29 6.59
CA GLU A 98 -1.86 1.54 5.82
C GLU A 98 -2.17 0.19 6.46
N ASP A 99 -1.14 -0.53 6.93
CA ASP A 99 -1.37 -1.84 7.55
C ASP A 99 -2.29 -1.72 8.78
N LEU A 100 -2.03 -0.73 9.63
CA LEU A 100 -2.87 -0.52 10.81
C LEU A 100 -4.26 0.01 10.42
N ARG A 101 -4.30 0.88 9.41
CA ARG A 101 -5.59 1.35 8.91
C ARG A 101 -6.48 0.18 8.46
N CYS A 102 -5.88 -0.82 7.83
CA CYS A 102 -6.66 -1.96 7.36
C CYS A 102 -7.21 -2.75 8.55
N LYS A 103 -6.43 -2.88 9.62
CA LYS A 103 -6.90 -3.55 10.82
C LYS A 103 -8.04 -2.78 11.45
N TYR A 104 -7.91 -1.45 11.47
CA TYR A 104 -8.94 -0.59 11.99
C TYR A 104 -10.22 -0.75 11.18
N ILE A 105 -10.07 -0.81 9.86
CA ILE A 105 -11.23 -0.87 8.98
C ILE A 105 -11.93 -2.22 9.19
N SER A 106 -11.16 -3.27 9.41
CA SER A 106 -11.72 -4.59 9.65
C SER A 106 -12.51 -4.60 10.95
N LEU A 107 -11.96 -3.99 11.99
CA LEU A 107 -12.67 -3.85 13.24
C LEU A 107 -14.00 -3.12 13.07
N ILE A 108 -13.91 -1.92 12.51
CA ILE A 108 -15.08 -1.04 12.37
C ILE A 108 -16.21 -1.67 11.59
N TYR A 109 -15.90 -2.29 10.46
CA TYR A 109 -16.93 -2.72 9.54
C TYR A 109 -17.34 -4.16 9.69
N THR A 110 -16.51 -4.99 10.30
CA THR A 110 -16.82 -6.44 10.31
C THR A 110 -16.86 -7.08 11.69
N ASN A 111 -16.37 -6.39 12.73
CA ASN A 111 -16.26 -7.06 14.02
C ASN A 111 -16.18 -6.13 15.23
N TYR A 112 -16.92 -5.02 15.20
CA TYR A 112 -16.74 -4.00 16.22
C TYR A 112 -17.07 -4.49 17.64
N GLU A 113 -18.23 -5.12 17.80
CA GLU A 113 -18.72 -5.52 19.13
C GLU A 113 -17.83 -6.58 19.75
N ALA A 114 -17.56 -7.64 19.01
CA ALA A 114 -16.77 -8.74 19.54
C ALA A 114 -15.26 -8.48 19.53
N GLY A 115 -14.80 -7.58 18.67
CA GLY A 115 -13.37 -7.38 18.45
C GLY A 115 -12.72 -6.21 19.17
N LYS A 116 -13.51 -5.27 19.68
CA LYS A 116 -12.94 -4.01 20.16
C LYS A 116 -11.99 -4.21 21.33
N ASP A 117 -12.38 -4.98 22.33
CA ASP A 117 -11.50 -5.23 23.50
C ASP A 117 -10.12 -5.77 23.08
N ASP A 118 -10.07 -6.86 22.32
CA ASP A 118 -8.80 -7.35 21.83
C ASP A 118 -8.01 -6.33 21.00
N TYR A 119 -8.71 -5.58 20.17
CA TYR A 119 -8.04 -4.60 19.32
C TYR A 119 -7.38 -3.54 20.18
N VAL A 120 -8.11 -3.06 21.17
CA VAL A 120 -7.58 -2.00 22.01
C VAL A 120 -6.43 -2.52 22.86
N LYS A 121 -6.49 -3.81 23.27
CA LYS A 121 -5.38 -4.43 24.00
C LYS A 121 -4.12 -4.51 23.16
N ALA A 122 -4.26 -4.79 21.86
CA ALA A 122 -3.13 -4.91 20.97
C ALA A 122 -2.62 -3.54 20.48
N LEU A 123 -3.41 -2.49 20.69
CA LEU A 123 -3.13 -1.19 20.08
C LEU A 123 -1.74 -0.58 20.44
N PRO A 124 -1.33 -0.64 21.72
CA PRO A 124 -0.01 -0.06 22.03
C PRO A 124 1.15 -0.66 21.24
N GLY A 125 1.13 -1.97 21.04
CA GLY A 125 2.17 -2.63 20.28
C GLY A 125 2.14 -2.24 18.80
N GLN A 126 0.97 -1.82 18.32
CA GLN A 126 0.82 -1.38 16.93
C GLN A 126 1.23 0.08 16.77
N LEU A 127 1.09 0.89 17.83
CA LEU A 127 1.45 2.30 17.78
C LEU A 127 2.93 2.50 18.06
N LYS A 128 3.52 1.59 18.84
CA LYS A 128 4.91 1.76 19.28
C LYS A 128 5.91 2.04 18.16
N PRO A 129 5.76 1.37 17.01
CA PRO A 129 6.73 1.63 15.95
C PRO A 129 6.82 3.09 15.51
N PHE A 130 5.70 3.79 15.51
CA PHE A 130 5.69 5.18 15.14
C PHE A 130 6.36 6.02 16.22
N GLU A 131 6.17 5.66 17.48
CA GLU A 131 6.90 6.35 18.56
C GLU A 131 8.42 6.14 18.37
N THR A 132 8.79 4.92 18.04
CA THR A 132 10.21 4.61 17.82
C THR A 132 10.80 5.41 16.66
N LEU A 133 10.11 5.46 15.53
CA LEU A 133 10.53 6.30 14.43
C LEU A 133 10.69 7.76 14.87
N LEU A 134 9.68 8.30 15.56
CA LEU A 134 9.84 9.65 16.09
C LEU A 134 11.06 9.78 16.98
N SER A 135 11.28 8.86 17.91
CA SER A 135 12.40 8.98 18.86
C SER A 135 13.76 9.02 18.15
N GLN A 136 13.80 8.46 16.95
CA GLN A 136 15.06 8.32 16.20
C GLN A 136 15.25 9.43 15.17
N ASN A 137 14.29 10.35 15.10
CA ASN A 137 14.38 11.50 14.23
C ASN A 137 14.32 12.81 14.99
N GLN A 138 15.50 13.35 15.31
CA GLN A 138 15.60 14.65 16.00
C GLN A 138 14.78 14.67 17.30
N GLY A 139 14.79 13.56 18.01
CA GLY A 139 14.07 13.48 19.28
C GLY A 139 12.55 13.63 19.15
N GLY A 140 12.01 13.47 17.95
CA GLY A 140 10.58 13.49 17.79
C GLY A 140 10.00 14.88 17.72
N LYS A 141 10.85 15.87 17.48
CA LYS A 141 10.46 17.27 17.57
C LYS A 141 10.04 17.87 16.25
N THR A 142 10.18 17.14 15.16
CA THR A 142 9.80 17.68 13.87
C THR A 142 8.73 16.79 13.21
N PHE A 143 9.14 15.94 12.28
CA PHE A 143 8.18 15.16 11.49
C PHE A 143 8.55 13.69 11.56
N ILE A 144 7.77 12.85 10.90
CA ILE A 144 7.96 11.43 11.06
C ILE A 144 9.21 10.99 10.28
N VAL A 145 9.51 11.69 9.19
CA VAL A 145 10.73 11.46 8.44
C VAL A 145 11.39 12.80 8.14
N GLY A 146 12.66 12.94 8.52
CA GLY A 146 13.40 14.14 8.15
C GLY A 146 12.94 15.41 8.84
N ASP A 147 13.23 16.55 8.24
CA ASP A 147 12.92 17.84 8.86
C ASP A 147 11.88 18.61 8.09
N GLN A 148 11.20 17.96 7.15
CA GLN A 148 10.10 18.59 6.45
C GLN A 148 8.91 17.63 6.41
N ILE A 149 7.71 18.19 6.32
CA ILE A 149 6.48 17.38 6.35
C ILE A 149 6.39 16.53 5.09
N SER A 150 5.74 15.36 5.20
CA SER A 150 5.57 14.47 4.05
C SER A 150 4.16 13.95 4.06
N PHE A 151 3.74 13.30 2.96
CA PHE A 151 2.37 12.80 2.89
C PHE A 151 2.12 11.78 3.99
N ALA A 152 3.17 11.08 4.41
CA ALA A 152 3.07 10.11 5.49
C ALA A 152 2.68 10.77 6.81
N ASP A 153 3.11 11.99 7.04
CA ASP A 153 2.70 12.70 8.27
C ASP A 153 1.18 12.89 8.31
N TYR A 154 0.60 13.27 7.17
CA TYR A 154 -0.83 13.52 7.15
C TYR A 154 -1.60 12.25 7.37
N ASN A 155 -1.13 11.16 6.76
CA ASN A 155 -1.81 9.88 6.91
C ASN A 155 -1.66 9.37 8.34
N LEU A 156 -0.45 9.45 8.89
CA LEU A 156 -0.22 9.03 10.28
C LEU A 156 -1.07 9.87 11.25
N LEU A 157 -1.09 11.17 11.06
CA LEU A 157 -1.91 12.07 11.89
C LEU A 157 -3.36 11.62 11.88
N ASP A 158 -3.89 11.34 10.69
CA ASP A 158 -5.28 10.88 10.62
C ASP A 158 -5.48 9.58 11.38
N LEU A 159 -4.53 8.69 11.24
CA LEU A 159 -4.61 7.42 11.91
C LEU A 159 -4.64 7.59 13.45
N LEU A 160 -3.77 8.47 13.94
CA LEU A 160 -3.72 8.74 15.38
C LEU A 160 -5.02 9.40 15.85
N LEU A 161 -5.56 10.33 15.07
CA LEU A 161 -6.77 11.04 15.50
C LEU A 161 -7.96 10.07 15.61
N ILE A 162 -8.10 9.15 14.68
CA ILE A 162 -9.25 8.27 14.73
C ILE A 162 -9.06 7.24 15.83
N HIS A 163 -7.81 6.89 16.12
CA HIS A 163 -7.58 5.96 17.22
C HIS A 163 -7.84 6.58 18.59
N GLU A 164 -7.65 7.88 18.72
CA GLU A 164 -7.97 8.57 19.97
C GLU A 164 -9.48 8.60 20.18
N VAL A 165 -10.25 8.65 19.10
CA VAL A 165 -11.72 8.54 19.19
C VAL A 165 -12.10 7.11 19.58
N LEU A 166 -11.42 6.12 19.01
CA LEU A 166 -11.75 4.73 19.30
C LEU A 166 -11.34 4.32 20.72
N ALA A 167 -10.20 4.84 21.16
CA ALA A 167 -9.62 4.45 22.43
C ALA A 167 -9.04 5.68 23.10
N PRO A 168 -9.91 6.49 23.71
CA PRO A 168 -9.44 7.74 24.32
C PRO A 168 -8.25 7.50 25.27
N GLY A 169 -7.24 8.36 25.20
CA GLY A 169 -6.03 8.20 25.99
C GLY A 169 -4.98 7.22 25.45
N CYS A 170 -5.22 6.61 24.30
CA CYS A 170 -4.30 5.60 23.80
C CYS A 170 -2.93 6.19 23.57
N LEU A 171 -2.84 7.51 23.37
CA LEU A 171 -1.55 8.15 23.18
C LEU A 171 -0.88 8.61 24.47
N ASP A 172 -1.53 8.40 25.62
CA ASP A 172 -0.88 8.71 26.93
C ASP A 172 0.37 7.87 27.14
N ALA A 173 0.42 6.71 26.47
CA ALA A 173 1.60 5.83 26.54
C ALA A 173 2.74 6.28 25.65
N PHE A 174 2.51 7.32 24.85
CA PHE A 174 3.44 7.68 23.76
C PHE A 174 3.65 9.16 23.69
N PRO A 175 4.57 9.66 24.54
CA PRO A 175 4.77 11.10 24.68
C PRO A 175 5.12 11.79 23.35
N LEU A 176 5.92 11.15 22.51
CA LEU A 176 6.34 11.80 21.27
C LEU A 176 5.18 11.86 20.28
N LEU A 177 4.42 10.78 20.16
CA LEU A 177 3.23 10.78 19.29
C LEU A 177 2.23 11.79 19.78
N SER A 178 2.14 11.94 21.09
CA SER A 178 1.14 12.82 21.66
C SER A 178 1.46 14.27 21.32
N ALA A 179 2.72 14.64 21.51
CA ALA A 179 3.15 15.99 21.21
C ALA A 179 3.09 16.25 19.71
N TYR A 180 3.37 15.21 18.93
CA TYR A 180 3.33 15.30 17.46
C TYR A 180 1.93 15.64 16.94
N VAL A 181 0.92 14.97 17.48
CA VAL A 181 -0.46 15.27 17.13
C VAL A 181 -0.81 16.74 17.47
N GLY A 182 -0.39 17.18 18.66
CA GLY A 182 -0.61 18.54 19.08
C GLY A 182 0.01 19.54 18.13
N ARG A 183 1.27 19.30 17.77
CA ARG A 183 2.04 20.19 16.90
C ARG A 183 1.42 20.29 15.53
N LEU A 184 1.28 19.15 14.86
CA LEU A 184 0.73 19.15 13.51
C LEU A 184 -0.66 19.73 13.50
N SER A 185 -1.49 19.35 14.48
CA SER A 185 -2.86 19.85 14.59
C SER A 185 -2.92 21.36 14.77
N ALA A 186 -1.84 21.95 15.26
CA ALA A 186 -1.80 23.39 15.48
C ALA A 186 -1.34 24.17 14.26
N ARG A 187 -0.95 23.50 13.18
CA ARG A 187 -0.54 24.22 11.99
C ARG A 187 -1.73 25.05 11.52
N PRO A 188 -1.56 26.37 11.33
CA PRO A 188 -2.76 27.22 11.19
C PRO A 188 -3.76 26.80 10.13
N LYS A 189 -3.32 26.49 8.91
CA LYS A 189 -4.27 26.09 7.90
C LYS A 189 -4.91 24.75 8.26
N LEU A 190 -4.14 23.87 8.89
CA LEU A 190 -4.68 22.57 9.24
C LEU A 190 -5.66 22.68 10.39
N LYS A 191 -5.30 23.44 11.41
CA LYS A 191 -6.16 23.68 12.55
C LYS A 191 -7.52 24.22 12.08
N ALA A 192 -7.47 25.18 11.17
CA ALA A 192 -8.69 25.79 10.67
C ALA A 192 -9.53 24.73 9.94
N PHE A 193 -8.87 23.90 9.13
CA PHE A 193 -9.59 22.87 8.38
C PHE A 193 -10.28 21.86 9.32
N LEU A 194 -9.53 21.36 10.27
CA LEU A 194 -10.01 20.39 11.24
C LEU A 194 -11.19 20.92 12.10
N ALA A 195 -11.26 22.22 12.30
CA ALA A 195 -12.35 22.84 13.06
C ALA A 195 -13.54 23.19 12.17
N SER A 196 -13.38 23.10 10.86
CA SER A 196 -14.43 23.58 9.92
C SER A 196 -15.55 22.56 9.72
N PRO A 197 -16.77 23.03 9.38
CA PRO A 197 -17.90 22.13 9.13
C PRO A 197 -17.63 21.06 8.08
N GLU A 198 -16.86 21.42 7.07
CA GLU A 198 -16.45 20.52 6.01
C GLU A 198 -15.80 19.20 6.53
N TYR A 199 -15.10 19.33 7.64
CA TYR A 199 -14.48 18.17 8.30
C TYR A 199 -15.37 17.63 9.40
N VAL A 200 -15.74 18.51 10.32
CA VAL A 200 -16.44 18.13 11.54
C VAL A 200 -17.79 17.50 11.27
N ASN A 201 -18.48 17.90 10.21
CA ASN A 201 -19.83 17.39 9.99
C ASN A 201 -19.91 16.10 9.17
N LEU A 202 -18.76 15.53 8.83
CA LEU A 202 -18.70 14.20 8.22
C LEU A 202 -18.34 13.18 9.31
N PRO A 203 -18.99 12.02 9.29
CA PRO A 203 -18.62 10.96 10.23
C PRO A 203 -17.29 10.35 9.80
N ILE A 204 -16.59 9.72 10.73
CA ILE A 204 -15.30 9.12 10.43
C ILE A 204 -15.48 7.99 9.42
N ASN A 205 -16.47 7.16 9.69
CA ASN A 205 -16.74 5.96 8.94
C ASN A 205 -18.18 5.94 8.37
N GLY A 206 -18.49 4.93 7.57
CA GLY A 206 -19.78 4.86 6.89
C GLY A 206 -20.94 4.20 7.65
N ASN A 207 -20.64 3.55 8.76
CA ASN A 207 -21.65 2.70 9.42
C ASN A 207 -22.00 3.16 10.83
N GLY A 208 -21.69 4.41 11.14
CA GLY A 208 -22.02 4.97 12.45
C GLY A 208 -21.13 4.54 13.61
N LYS A 209 -20.07 3.78 13.34
CA LYS A 209 -19.19 3.29 14.40
C LYS A 209 -17.87 4.06 14.37
N GLN A 210 -17.27 4.22 15.54
CA GLN A 210 -15.97 4.92 15.67
C GLN A 210 -15.38 4.62 17.04
N PRO B 2 23.61 -0.76 -3.45
CA PRO B 2 23.96 -2.18 -3.32
C PRO B 2 25.15 -2.38 -2.38
N PRO B 3 25.56 -3.65 -2.12
CA PRO B 3 24.85 -4.83 -2.60
C PRO B 3 23.63 -4.98 -1.72
N TYR B 4 22.80 -5.96 -2.05
CA TYR B 4 21.51 -6.05 -1.41
C TYR B 4 21.45 -7.27 -0.55
N THR B 5 20.72 -7.17 0.56
CA THR B 5 20.33 -8.34 1.35
C THR B 5 18.81 -8.44 1.55
N VAL B 6 18.27 -9.63 1.26
CA VAL B 6 16.87 -9.98 1.50
C VAL B 6 16.78 -10.92 2.70
N VAL B 7 16.07 -10.49 3.73
CA VAL B 7 15.86 -11.29 4.93
C VAL B 7 14.42 -11.74 5.03
N TYR B 8 14.20 -13.06 5.01
CA TYR B 8 12.85 -13.59 4.89
C TYR B 8 12.79 -15.06 5.23
N PHE B 9 11.57 -15.56 5.38
CA PHE B 9 11.31 -16.98 5.58
C PHE B 9 11.53 -17.73 4.28
N PRO B 10 11.68 -19.07 4.34
CA PRO B 10 11.91 -19.84 3.11
C PRO B 10 10.64 -20.07 2.33
N VAL B 11 10.06 -18.96 1.85
CA VAL B 11 8.91 -19.01 0.97
C VAL B 11 9.04 -17.90 -0.08
N ARG B 12 8.24 -18.03 -1.14
CA ARG B 12 8.23 -16.99 -2.17
C ARG B 12 7.52 -15.75 -1.58
N GLY B 13 6.23 -15.90 -1.30
CA GLY B 13 5.44 -14.93 -0.54
C GLY B 13 5.62 -13.50 -1.03
N ARG B 14 5.85 -12.59 -0.10
CA ARG B 14 6.00 -11.18 -0.41
C ARG B 14 7.39 -10.76 -0.91
N CYS B 15 8.29 -11.72 -1.11
CA CYS B 15 9.59 -11.44 -1.70
C CYS B 15 9.70 -11.87 -3.16
N ALA B 16 8.72 -12.60 -3.66
CA ALA B 16 8.82 -13.17 -5.00
C ALA B 16 8.97 -12.06 -6.03
N ALA B 17 8.18 -11.00 -5.87
CA ALA B 17 8.21 -9.95 -6.90
C ALA B 17 9.52 -9.21 -6.86
N LEU B 18 10.00 -8.85 -5.66
CA LEU B 18 11.23 -8.10 -5.57
C LEU B 18 12.42 -8.93 -6.02
N ARG B 19 12.34 -10.25 -5.85
CA ARG B 19 13.39 -11.12 -6.38
C ARG B 19 13.43 -11.17 -7.92
N MET B 20 12.24 -11.26 -8.52
CA MET B 20 12.11 -11.24 -9.96
C MET B 20 12.70 -9.96 -10.51
N LEU B 21 12.43 -8.87 -9.82
CA LEU B 21 12.90 -7.55 -10.23
C LEU B 21 14.43 -7.53 -10.20
N LEU B 22 14.99 -7.93 -9.07
CA LEU B 22 16.45 -7.98 -8.92
C LEU B 22 17.11 -8.85 -10.00
N ALA B 23 16.56 -10.04 -10.24
CA ALA B 23 17.18 -10.95 -11.20
C ALA B 23 17.06 -10.36 -12.62
N ASP B 24 15.87 -9.89 -12.93
CA ASP B 24 15.62 -9.39 -14.28
C ASP B 24 16.49 -8.19 -14.55
N GLN B 25 16.79 -7.42 -13.51
CA GLN B 25 17.58 -6.20 -13.67
C GLN B 25 19.08 -6.46 -13.52
N GLY B 26 19.46 -7.72 -13.46
CA GLY B 26 20.87 -8.09 -13.41
C GLY B 26 21.55 -7.72 -12.13
N GLN B 27 20.81 -7.62 -11.03
CA GLN B 27 21.39 -7.24 -9.77
C GLN B 27 21.81 -8.48 -8.98
N SER B 28 22.79 -8.31 -8.10
CA SER B 28 23.16 -9.37 -7.17
C SER B 28 22.62 -9.08 -5.78
N TRP B 29 22.28 -10.14 -5.05
CA TRP B 29 21.84 -10.01 -3.68
C TRP B 29 22.10 -11.24 -2.84
N LYS B 30 22.12 -11.04 -1.53
CA LYS B 30 22.28 -12.11 -0.55
C LYS B 30 20.92 -12.45 0.02
N GLU B 31 20.60 -13.75 0.09
CA GLU B 31 19.42 -14.21 0.82
C GLU B 31 19.83 -14.62 2.22
N GLU B 32 19.19 -14.04 3.23
CA GLU B 32 19.35 -14.52 4.58
C GLU B 32 18.05 -15.19 4.93
N VAL B 33 18.08 -16.52 4.96
CA VAL B 33 16.90 -17.31 5.26
C VAL B 33 16.71 -17.38 6.76
N VAL B 34 15.51 -17.05 7.21
CA VAL B 34 15.15 -17.13 8.61
C VAL B 34 14.17 -18.29 8.77
N THR B 35 14.53 -19.27 9.60
CA THR B 35 13.64 -20.42 9.79
C THR B 35 12.55 -20.09 10.80
N VAL B 36 11.44 -20.81 10.69
CA VAL B 36 10.34 -20.70 11.63
C VAL B 36 10.87 -20.84 13.05
N GLU B 37 11.88 -21.70 13.22
CA GLU B 37 12.46 -21.97 14.53
C GLU B 37 13.22 -20.76 15.08
N THR B 38 14.03 -20.13 14.22
CA THR B 38 14.79 -18.92 14.58
C THR B 38 13.86 -17.73 14.88
N TRP B 39 12.77 -17.63 14.12
CA TRP B 39 11.80 -16.56 14.34
C TRP B 39 11.15 -16.71 15.71
N GLN B 40 10.78 -17.93 16.08
CA GLN B 40 10.09 -18.13 17.36
C GLN B 40 10.93 -17.75 18.58
N GLU B 41 12.24 -17.63 18.41
CA GLU B 41 13.13 -17.21 19.49
C GLU B 41 12.82 -15.79 19.95
N GLY B 42 12.44 -14.92 19.01
CA GLY B 42 11.91 -13.62 19.34
C GLY B 42 12.81 -12.43 19.08
N SER B 43 14.13 -12.64 19.10
CA SER B 43 15.08 -11.51 19.04
C SER B 43 15.07 -10.76 17.70
N LEU B 44 15.15 -11.49 16.59
CA LEU B 44 15.11 -10.81 15.29
C LEU B 44 13.79 -10.06 15.19
N LYS B 45 12.68 -10.73 15.47
CA LYS B 45 11.34 -10.12 15.39
C LYS B 45 11.23 -8.83 16.18
N ALA B 46 11.82 -8.80 17.37
CA ALA B 46 11.76 -7.62 18.21
C ALA B 46 12.56 -6.46 17.59
N SER B 47 13.58 -6.80 16.80
CA SER B 47 14.39 -5.76 16.16
C SER B 47 13.76 -5.21 14.87
N CYS B 48 12.73 -5.88 14.36
CA CYS B 48 12.09 -5.45 13.13
C CYS B 48 11.09 -4.33 13.41
N LEU B 49 11.08 -3.30 12.58
CA LEU B 49 10.28 -2.10 12.86
C LEU B 49 8.84 -2.45 13.21
N TYR B 50 8.21 -3.28 12.38
CA TYR B 50 6.81 -3.67 12.58
C TYR B 50 6.69 -5.15 12.96
N GLY B 51 7.77 -5.71 13.52
CA GLY B 51 7.77 -7.10 13.98
C GLY B 51 7.60 -8.12 12.88
N GLN B 52 7.94 -7.72 11.65
CA GLN B 52 7.70 -8.61 10.51
C GLN B 52 8.80 -8.55 9.45
N LEU B 53 8.80 -9.57 8.61
CA LEU B 53 9.66 -9.65 7.44
C LEU B 53 8.75 -9.51 6.19
N PRO B 54 9.34 -9.18 5.03
CA PRO B 54 10.77 -9.06 4.74
C PRO B 54 11.44 -7.84 5.34
N LYS B 55 12.75 -7.98 5.52
CA LYS B 55 13.64 -6.90 5.88
C LYS B 55 14.64 -6.85 4.74
N PHE B 56 15.10 -5.65 4.42
CA PHE B 56 15.94 -5.47 3.25
C PHE B 56 17.08 -4.55 3.60
N GLN B 57 18.27 -4.85 3.09
CA GLN B 57 19.42 -3.95 3.25
C GLN B 57 19.99 -3.54 1.91
N ASP B 58 20.18 -2.24 1.76
CA ASP B 58 20.81 -1.64 0.60
C ASP B 58 21.94 -0.82 1.21
N GLY B 59 23.12 -1.42 1.27
CA GLY B 59 24.21 -0.82 2.01
C GLY B 59 23.84 -0.48 3.44
N ASP B 60 24.01 0.78 3.81
CA ASP B 60 23.69 1.25 5.15
C ASP B 60 22.20 1.48 5.41
N LEU B 61 21.38 1.36 4.38
CA LEU B 61 19.93 1.57 4.50
C LEU B 61 19.19 0.24 4.82
N THR B 62 18.42 0.25 5.89
CA THR B 62 17.59 -0.89 6.26
C THR B 62 16.13 -0.53 6.07
N LEU B 63 15.43 -1.33 5.26
CA LEU B 63 13.98 -1.12 5.02
C LEU B 63 13.16 -2.31 5.45
N TYR B 64 11.93 -2.03 5.83
CA TYR B 64 10.90 -3.02 6.00
C TYR B 64 9.76 -2.65 5.06
N GLN B 65 8.80 -3.58 4.90
CA GLN B 65 7.60 -3.41 4.05
C GLN B 65 7.88 -3.75 2.59
N SER B 66 7.27 -4.83 2.12
CA SER B 66 7.53 -5.35 0.78
C SER B 66 7.32 -4.29 -0.33
N ASN B 67 6.27 -3.48 -0.24
CA ASN B 67 6.06 -2.43 -1.26
C ASN B 67 7.00 -1.25 -1.13
N THR B 68 7.46 -0.96 0.07
CA THR B 68 8.53 0.03 0.26
C THR B 68 9.81 -0.43 -0.49
N ILE B 69 10.17 -1.69 -0.32
CA ILE B 69 11.36 -2.22 -0.99
C ILE B 69 11.17 -2.16 -2.52
N LEU B 70 10.01 -2.58 -3.00
CA LEU B 70 9.71 -2.47 -4.44
C LEU B 70 9.86 -1.02 -4.96
N ARG B 71 9.26 -0.08 -4.24
CA ARG B 71 9.31 1.33 -4.65
C ARG B 71 10.72 1.89 -4.59
N HIS B 72 11.51 1.47 -3.60
CA HIS B 72 12.88 1.96 -3.47
C HIS B 72 13.71 1.46 -4.67
N LEU B 73 13.54 0.19 -5.00
CA LEU B 73 14.23 -0.38 -6.14
C LEU B 73 13.76 0.29 -7.43
N GLY B 74 12.46 0.56 -7.52
CA GLY B 74 11.91 1.27 -8.65
C GLY B 74 12.54 2.63 -8.82
N ARG B 75 12.66 3.35 -7.70
CA ARG B 75 13.16 4.71 -7.75
C ARG B 75 14.63 4.68 -8.07
N THR B 76 15.39 3.78 -7.45
CA THR B 76 16.85 3.83 -7.60
C THR B 76 17.30 3.20 -8.91
N LEU B 77 16.49 2.29 -9.46
CA LEU B 77 16.87 1.61 -10.70
C LEU B 77 16.12 2.13 -11.95
N GLY B 78 15.27 3.14 -11.78
CA GLY B 78 14.55 3.75 -12.88
C GLY B 78 13.46 2.84 -13.41
N LEU B 79 12.70 2.22 -12.54
CA LEU B 79 11.58 1.36 -12.90
C LEU B 79 10.28 1.94 -12.30
N TYR B 80 10.04 3.22 -12.56
CA TYR B 80 8.95 3.95 -11.92
C TYR B 80 8.30 4.92 -12.91
N GLY B 81 8.28 4.55 -14.18
CA GLY B 81 7.67 5.39 -15.19
C GLY B 81 8.56 6.55 -15.61
N LYS B 82 8.14 7.26 -16.64
CA LYS B 82 9.00 8.27 -17.25
C LYS B 82 8.85 9.63 -16.64
N ASP B 83 7.76 9.85 -15.94
CA ASP B 83 7.47 11.14 -15.33
C ASP B 83 6.48 10.93 -14.21
N GLN B 84 6.12 12.03 -13.53
CA GLN B 84 5.22 11.99 -12.39
C GLN B 84 3.86 11.40 -12.74
N GLN B 85 3.34 11.78 -13.90
CA GLN B 85 2.08 11.20 -14.31
C GLN B 85 2.13 9.67 -14.41
N GLU B 86 3.13 9.11 -15.10
CA GLU B 86 3.29 7.66 -15.13
C GLU B 86 3.57 7.05 -13.75
N ALA B 87 4.34 7.74 -12.93
CA ALA B 87 4.62 7.27 -11.56
C ALA B 87 3.31 7.06 -10.79
N ALA B 88 2.37 7.98 -10.95
CA ALA B 88 1.08 7.83 -10.33
C ALA B 88 0.33 6.61 -10.83
N LEU B 89 0.37 6.40 -12.14
CA LEU B 89 -0.24 5.21 -12.73
C LEU B 89 0.43 3.91 -12.23
N VAL B 90 1.74 3.91 -12.10
CA VAL B 90 2.46 2.76 -11.55
C VAL B 90 2.00 2.44 -10.15
N ASP B 91 1.86 3.47 -9.33
CA ASP B 91 1.39 3.32 -7.97
C ASP B 91 -0.03 2.76 -7.96
N MET B 92 -0.88 3.26 -8.85
CA MET B 92 -2.24 2.84 -8.91
C MET B 92 -2.33 1.36 -9.23
N VAL B 93 -1.50 0.90 -10.15
CA VAL B 93 -1.43 -0.54 -10.45
C VAL B 93 -0.94 -1.35 -9.23
N ASN B 94 0.17 -0.91 -8.66
CA ASN B 94 0.72 -1.64 -7.55
C ASN B 94 -0.23 -1.73 -6.38
N ASP B 95 -0.94 -0.63 -6.11
CA ASP B 95 -1.89 -0.63 -4.99
C ASP B 95 -3.05 -1.58 -5.28
N GLY B 96 -3.45 -1.69 -6.55
CA GLY B 96 -4.46 -2.69 -6.92
C GLY B 96 -3.94 -4.11 -6.77
N VAL B 97 -2.68 -4.32 -7.13
CA VAL B 97 -2.05 -5.63 -6.95
C VAL B 97 -2.02 -5.99 -5.46
N GLU B 98 -1.67 -5.01 -4.64
CA GLU B 98 -1.57 -5.23 -3.19
C GLU B 98 -2.92 -5.59 -2.60
N ASP B 99 -3.98 -4.94 -3.07
CA ASP B 99 -5.31 -5.20 -2.54
C ASP B 99 -5.68 -6.66 -2.84
N LEU B 100 -5.44 -7.10 -4.07
CA LEU B 100 -5.82 -8.46 -4.41
C LEU B 100 -4.89 -9.45 -3.68
N ARG B 101 -3.61 -9.14 -3.58
CA ARG B 101 -2.66 -9.96 -2.79
C ARG B 101 -3.14 -10.10 -1.34
N CYS B 102 -3.66 -9.04 -0.72
CA CYS B 102 -4.19 -9.16 0.64
C CYS B 102 -5.38 -10.14 0.73
N LYS B 103 -6.25 -10.11 -0.28
CA LYS B 103 -7.38 -11.02 -0.31
C LYS B 103 -6.90 -12.45 -0.49
N TYR B 104 -5.89 -12.61 -1.33
CA TYR B 104 -5.30 -13.92 -1.60
C TYR B 104 -4.71 -14.46 -0.29
N ILE B 105 -3.95 -13.63 0.37
CA ILE B 105 -3.29 -14.00 1.61
C ILE B 105 -4.34 -14.37 2.69
N SER B 106 -5.44 -13.64 2.77
CA SER B 106 -6.49 -13.95 3.73
C SER B 106 -7.10 -15.32 3.41
N LEU B 107 -7.36 -15.58 2.14
CA LEU B 107 -7.84 -16.90 1.76
C LEU B 107 -6.86 -17.99 2.21
N ILE B 108 -5.62 -17.90 1.75
CA ILE B 108 -4.62 -18.94 1.94
C ILE B 108 -4.41 -19.28 3.39
N TYR B 109 -4.30 -18.25 4.22
CA TYR B 109 -3.87 -18.44 5.60
C TYR B 109 -5.01 -18.51 6.61
N THR B 110 -6.21 -18.12 6.20
CA THR B 110 -7.24 -17.87 7.17
C THR B 110 -8.55 -18.57 6.84
N ASN B 111 -8.72 -19.00 5.60
CA ASN B 111 -10.03 -19.49 5.19
C ASN B 111 -10.03 -20.34 3.92
N TYR B 112 -8.97 -21.09 3.68
CA TYR B 112 -8.81 -21.75 2.40
C TYR B 112 -9.95 -22.69 2.06
N GLU B 113 -10.28 -23.58 2.99
CA GLU B 113 -11.20 -24.68 2.67
C GLU B 113 -12.62 -24.18 2.41
N ALA B 114 -13.12 -23.29 3.25
CA ALA B 114 -14.48 -22.78 3.09
C ALA B 114 -14.61 -21.60 2.11
N GLY B 115 -13.50 -20.92 1.82
CA GLY B 115 -13.55 -19.67 1.08
C GLY B 115 -13.14 -19.76 -0.37
N LYS B 116 -12.48 -20.85 -0.76
CA LYS B 116 -11.90 -20.93 -2.11
C LYS B 116 -12.92 -20.83 -3.21
N ASP B 117 -14.07 -21.47 -3.02
CA ASP B 117 -15.12 -21.49 -4.02
C ASP B 117 -15.58 -20.06 -4.34
N ASP B 118 -15.87 -19.29 -3.31
CA ASP B 118 -16.32 -17.92 -3.50
C ASP B 118 -15.20 -17.07 -4.10
N TYR B 119 -13.98 -17.30 -3.65
CA TYR B 119 -12.83 -16.52 -4.11
C TYR B 119 -12.66 -16.73 -5.60
N VAL B 120 -12.69 -17.98 -6.03
CA VAL B 120 -12.45 -18.29 -7.44
C VAL B 120 -13.56 -17.73 -8.33
N LYS B 121 -14.79 -17.75 -7.85
CA LYS B 121 -15.92 -17.22 -8.61
C LYS B 121 -15.80 -15.72 -8.79
N ALA B 122 -15.24 -15.04 -7.80
CA ALA B 122 -15.04 -13.60 -7.86
C ALA B 122 -13.80 -13.19 -8.65
N LEU B 123 -12.91 -14.14 -8.92
CA LEU B 123 -11.60 -13.82 -9.46
C LEU B 123 -11.62 -13.08 -10.82
N PRO B 124 -12.47 -13.52 -11.77
CA PRO B 124 -12.47 -12.82 -13.05
C PRO B 124 -12.66 -11.30 -12.89
N GLY B 125 -13.62 -10.88 -12.07
CA GLY B 125 -13.89 -9.48 -11.86
C GLY B 125 -12.75 -8.79 -11.13
N GLN B 126 -11.91 -9.56 -10.44
CA GLN B 126 -10.71 -9.00 -9.77
C GLN B 126 -9.56 -8.85 -10.72
N LEU B 127 -9.53 -9.68 -11.77
CA LEU B 127 -8.43 -9.61 -12.74
C LEU B 127 -8.70 -8.66 -13.88
N LYS B 128 -9.97 -8.49 -14.21
CA LYS B 128 -10.35 -7.66 -15.34
C LYS B 128 -9.72 -6.26 -15.36
N PRO B 129 -9.63 -5.61 -14.18
CA PRO B 129 -9.01 -4.27 -14.22
C PRO B 129 -7.63 -4.26 -14.84
N PHE B 130 -6.85 -5.33 -14.68
CA PHE B 130 -5.48 -5.32 -15.18
C PHE B 130 -5.50 -5.55 -16.70
N GLU B 131 -6.43 -6.37 -17.18
CA GLU B 131 -6.65 -6.47 -18.64
C GLU B 131 -7.07 -5.12 -19.24
N THR B 132 -7.99 -4.42 -18.57
CA THR B 132 -8.42 -3.10 -19.08
C THR B 132 -7.26 -2.11 -19.13
N LEU B 133 -6.41 -2.12 -18.11
CA LEU B 133 -5.26 -1.23 -18.10
C LEU B 133 -4.34 -1.55 -19.27
N LEU B 134 -4.11 -2.83 -19.51
CA LEU B 134 -3.30 -3.21 -20.66
C LEU B 134 -3.95 -2.72 -21.97
N SER B 135 -5.25 -2.91 -22.09
CA SER B 135 -5.95 -2.53 -23.32
C SER B 135 -5.76 -1.06 -23.65
N GLN B 136 -5.54 -0.24 -22.63
CA GLN B 136 -5.46 1.19 -22.79
C GLN B 136 -4.02 1.69 -22.91
N ASN B 137 -3.05 0.77 -22.90
CA ASN B 137 -1.66 1.15 -23.03
C ASN B 137 -0.98 0.43 -24.17
N GLN B 138 -0.88 1.10 -25.33
CA GLN B 138 -0.23 0.55 -26.53
C GLN B 138 -0.78 -0.85 -26.86
N GLY B 139 -2.09 -1.00 -26.77
CA GLY B 139 -2.74 -2.25 -27.09
C GLY B 139 -2.33 -3.43 -26.26
N GLY B 140 -1.75 -3.17 -25.09
CA GLY B 140 -1.28 -4.25 -24.24
C GLY B 140 0.04 -4.87 -24.67
N LYS B 141 0.74 -4.22 -25.59
CA LYS B 141 1.93 -4.81 -26.21
C LYS B 141 3.22 -4.55 -25.48
N THR B 142 3.19 -3.68 -24.48
CA THR B 142 4.44 -3.34 -23.78
C THR B 142 4.38 -3.77 -22.31
N PHE B 143 4.10 -2.83 -21.43
CA PHE B 143 4.11 -3.04 -20.00
C PHE B 143 2.81 -2.51 -19.42
N ILE B 144 2.63 -2.65 -18.11
CA ILE B 144 1.36 -2.25 -17.52
C ILE B 144 1.19 -0.72 -17.54
N VAL B 145 2.29 0.01 -17.42
CA VAL B 145 2.28 1.46 -17.52
C VAL B 145 3.40 1.87 -18.43
N GLY B 146 3.06 2.63 -19.45
CA GLY B 146 4.09 3.25 -20.27
C GLY B 146 4.83 2.27 -21.13
N ASP B 147 6.02 2.69 -21.55
CA ASP B 147 6.83 1.98 -22.56
C ASP B 147 8.01 1.23 -21.96
N GLN B 148 8.20 1.32 -20.66
CA GLN B 148 9.29 0.63 -19.98
C GLN B 148 8.76 -0.14 -18.76
N ILE B 149 9.50 -1.17 -18.35
CA ILE B 149 9.09 -1.97 -17.22
C ILE B 149 9.15 -1.17 -15.93
N SER B 150 8.27 -1.48 -15.00
CA SER B 150 8.24 -0.82 -13.71
C SER B 150 8.12 -1.86 -12.60
N PHE B 151 8.36 -1.44 -11.37
CA PHE B 151 8.25 -2.39 -10.27
C PHE B 151 6.85 -3.02 -10.23
N ALA B 152 5.85 -2.29 -10.70
CA ALA B 152 4.48 -2.80 -10.67
C ALA B 152 4.32 -3.99 -11.62
N ASP B 153 5.09 -4.04 -12.70
CA ASP B 153 5.02 -5.19 -13.59
C ASP B 153 5.47 -6.47 -12.86
N TYR B 154 6.53 -6.39 -12.08
CA TYR B 154 7.01 -7.60 -11.42
C TYR B 154 5.99 -8.04 -10.38
N ASN B 155 5.38 -7.07 -9.71
CA ASN B 155 4.41 -7.41 -8.69
C ASN B 155 3.16 -7.98 -9.34
N LEU B 156 2.69 -7.38 -10.42
CA LEU B 156 1.51 -7.92 -11.11
C LEU B 156 1.82 -9.32 -11.67
N LEU B 157 3.01 -9.48 -12.26
CA LEU B 157 3.39 -10.79 -12.81
C LEU B 157 3.32 -11.85 -11.74
N ASP B 158 3.90 -11.57 -10.58
CA ASP B 158 3.84 -12.57 -9.50
C ASP B 158 2.41 -12.91 -9.12
N LEU B 159 1.58 -11.88 -8.98
CA LEU B 159 0.18 -12.05 -8.61
C LEU B 159 -0.54 -12.95 -9.61
N LEU B 160 -0.27 -12.74 -10.88
CA LEU B 160 -0.89 -13.56 -11.91
C LEU B 160 -0.38 -14.99 -11.89
N LEU B 161 0.92 -15.18 -11.72
CA LEU B 161 1.47 -16.52 -11.63
C LEU B 161 0.88 -17.32 -10.44
N ILE B 162 0.76 -16.69 -9.28
CA ILE B 162 0.24 -17.47 -8.15
C ILE B 162 -1.24 -17.74 -8.32
N HIS B 163 -1.93 -16.86 -9.04
CA HIS B 163 -3.34 -17.09 -9.28
C HIS B 163 -3.56 -18.21 -10.33
N GLU B 164 -2.62 -18.40 -11.23
CA GLU B 164 -2.78 -19.50 -12.18
C GLU B 164 -2.56 -20.85 -11.47
N VAL B 165 -1.78 -20.88 -10.41
CA VAL B 165 -1.66 -22.07 -9.55
C VAL B 165 -2.96 -22.30 -8.77
N LEU B 166 -3.52 -21.23 -8.21
CA LEU B 166 -4.74 -21.33 -7.42
C LEU B 166 -5.95 -21.72 -8.29
N ALA B 167 -6.01 -21.16 -9.49
CA ALA B 167 -7.16 -21.34 -10.36
C ALA B 167 -6.66 -21.47 -11.77
N PRO B 168 -6.15 -22.66 -12.13
CA PRO B 168 -5.66 -22.88 -13.49
C PRO B 168 -6.72 -22.43 -14.52
N GLY B 169 -6.27 -21.73 -15.54
CA GLY B 169 -7.16 -21.23 -16.58
C GLY B 169 -7.67 -19.82 -16.35
N CYS B 170 -7.32 -19.21 -15.22
CA CYS B 170 -7.93 -17.93 -14.84
C CYS B 170 -7.58 -16.80 -15.81
N LEU B 171 -6.52 -16.95 -16.59
CA LEU B 171 -6.15 -15.93 -17.57
C LEU B 171 -6.69 -16.21 -18.97
N ASP B 172 -7.32 -17.36 -19.17
CA ASP B 172 -7.70 -17.78 -20.52
C ASP B 172 -8.66 -16.79 -21.17
N ALA B 173 -9.54 -16.19 -20.37
CA ALA B 173 -10.50 -15.19 -20.87
C ALA B 173 -9.89 -13.81 -21.12
N PHE B 174 -8.61 -13.66 -20.83
CA PHE B 174 -7.94 -12.35 -20.90
C PHE B 174 -6.72 -12.41 -21.82
N PRO B 175 -6.90 -12.13 -23.11
CA PRO B 175 -5.79 -12.29 -24.05
C PRO B 175 -4.59 -11.39 -23.77
N LEU B 176 -4.81 -10.14 -23.37
CA LEU B 176 -3.68 -9.27 -23.11
C LEU B 176 -2.86 -9.72 -21.90
N LEU B 177 -3.51 -10.12 -20.82
CA LEU B 177 -2.79 -10.58 -19.63
C LEU B 177 -2.04 -11.89 -19.94
N SER B 178 -2.70 -12.79 -20.66
CA SER B 178 -2.08 -14.06 -21.07
C SER B 178 -0.79 -13.77 -21.84
N ALA B 179 -0.87 -12.88 -22.81
CA ALA B 179 0.28 -12.56 -23.66
C ALA B 179 1.38 -11.84 -22.87
N TYR B 180 0.96 -10.99 -21.94
CA TYR B 180 1.86 -10.23 -21.07
C TYR B 180 2.67 -11.16 -20.16
N VAL B 181 2.01 -12.14 -19.58
CA VAL B 181 2.68 -13.11 -18.73
C VAL B 181 3.70 -13.87 -19.59
N GLY B 182 3.29 -14.28 -20.78
CA GLY B 182 4.21 -14.97 -21.69
C GLY B 182 5.43 -14.12 -22.05
N ARG B 183 5.23 -12.85 -22.36
CA ARG B 183 6.32 -11.93 -22.76
C ARG B 183 7.30 -11.67 -21.64
N LEU B 184 6.76 -11.29 -20.48
CA LEU B 184 7.62 -10.95 -19.38
C LEU B 184 8.39 -12.20 -18.95
N SER B 185 7.71 -13.33 -18.92
CA SER B 185 8.29 -14.58 -18.42
C SER B 185 9.42 -15.07 -19.34
N ALA B 186 9.41 -14.56 -20.58
CA ALA B 186 10.41 -14.91 -21.55
C ALA B 186 11.61 -13.97 -21.54
N ARG B 187 11.57 -12.90 -20.77
CA ARG B 187 12.76 -12.04 -20.68
C ARG B 187 13.93 -12.90 -20.10
N PRO B 188 15.10 -12.95 -20.78
CA PRO B 188 16.13 -13.97 -20.50
C PRO B 188 16.51 -14.15 -19.03
N LYS B 189 16.86 -13.07 -18.35
CA LYS B 189 17.28 -13.18 -16.96
C LYS B 189 16.14 -13.63 -16.07
N LEU B 190 14.95 -13.14 -16.37
CA LEU B 190 13.77 -13.50 -15.57
C LEU B 190 13.40 -14.96 -15.82
N LYS B 191 13.43 -15.37 -17.08
CA LYS B 191 13.16 -16.75 -17.46
C LYS B 191 14.11 -17.70 -16.71
N ALA B 192 15.40 -17.37 -16.73
CA ALA B 192 16.40 -18.17 -16.00
C ALA B 192 16.08 -18.21 -14.51
N PHE B 193 15.70 -17.08 -13.94
CA PHE B 193 15.37 -17.06 -12.52
C PHE B 193 14.18 -17.92 -12.21
N LEU B 194 13.12 -17.79 -13.03
CA LEU B 194 11.88 -18.51 -12.77
C LEU B 194 12.05 -20.01 -12.93
N ALA B 195 13.01 -20.42 -13.74
CA ALA B 195 13.29 -21.83 -13.98
C ALA B 195 14.24 -22.40 -12.92
N SER B 196 14.83 -21.54 -12.09
CA SER B 196 15.89 -21.97 -11.17
C SER B 196 15.32 -22.59 -9.89
N PRO B 197 16.11 -23.49 -9.25
CA PRO B 197 15.63 -24.15 -8.03
C PRO B 197 15.30 -23.16 -6.92
N GLU B 198 16.03 -22.07 -6.92
CA GLU B 198 15.90 -21.07 -5.88
C GLU B 198 14.50 -20.46 -5.90
N TYR B 199 13.88 -20.43 -7.08
CA TYR B 199 12.45 -20.12 -7.20
C TYR B 199 11.55 -21.38 -7.15
N VAL B 200 11.83 -22.37 -8.00
CA VAL B 200 10.93 -23.49 -8.16
C VAL B 200 10.78 -24.33 -6.90
N ASN B 201 11.85 -24.49 -6.14
CA ASN B 201 11.80 -25.37 -4.98
C ASN B 201 11.42 -24.69 -3.69
N LEU B 202 11.03 -23.42 -3.77
CA LEU B 202 10.43 -22.71 -2.62
C LEU B 202 8.91 -22.80 -2.73
N PRO B 203 8.21 -23.06 -1.61
CA PRO B 203 6.75 -23.05 -1.68
C PRO B 203 6.25 -21.60 -1.81
N ILE B 204 5.07 -21.41 -2.38
CA ILE B 204 4.54 -20.07 -2.59
C ILE B 204 4.26 -19.46 -1.23
N ASN B 205 3.61 -20.23 -0.35
CA ASN B 205 3.18 -19.78 0.95
C ASN B 205 3.76 -20.63 2.08
N GLY B 206 3.56 -20.20 3.31
CA GLY B 206 4.20 -20.85 4.44
C GLY B 206 3.45 -22.03 5.05
N ASN B 207 2.27 -22.35 4.53
CA ASN B 207 1.37 -23.30 5.20
C ASN B 207 0.95 -24.47 4.32
N GLY B 208 1.69 -24.70 3.26
CA GLY B 208 1.42 -25.82 2.37
C GLY B 208 0.27 -25.60 1.40
N LYS B 209 -0.39 -24.45 1.47
CA LYS B 209 -1.55 -24.20 0.60
C LYS B 209 -1.17 -23.27 -0.56
N GLN B 210 -1.83 -23.46 -1.69
CA GLN B 210 -1.59 -22.68 -2.89
C GLN B 210 -2.75 -22.86 -3.87
#